data_3D1C
#
_entry.id   3D1C
#
_cell.length_a   109.247
_cell.length_b   109.247
_cell.length_c   87.061
_cell.angle_alpha   90.000
_cell.angle_beta   90.000
_cell.angle_gamma   90.000
#
_symmetry.space_group_name_H-M   'P 43 21 2'
#
loop_
_entity.id
_entity.type
_entity.pdbx_description
1 polymer 'Flavin-containing Putative Monooxygenase'
2 non-polymer 'SULFATE ION'
3 non-polymer 'FLAVIN-ADENINE DINUCLEOTIDE'
4 non-polymer 'UNKNOWN LIGAND'
5 water water
#
_entity_poly.entity_id   1
_entity_poly.type   'polypeptide(L)'
_entity_poly.pdbx_seq_one_letter_code
;G(MSE)QHHKVAIIGAGAAGIG(MSE)AITLKDFGITDVIILEKGTVGHSFKHWPKSTRTITPSFTSNGFG(MSE)PD
(MSE)NAIS(MSE)DTSPAFTFNEEHISGETYAEYLQVVANHYELNIFENTVVTNISADDAYYTIATTTETYHADYIFVA
TGDYNFPKKPFKYGIHYSEIEDFDNFNKGQYVVIGGNESGFDAAYQLAKNGSDIALYTSTTGLNDPDADPSVRLSPYTRQ
RLGNVIKQGARIE(MSE)NVHYTVKDIDFNNGQYHISFDSGQSVHTPHEPILATGFDATKNPIVQQLFVTTNQDIKLTTH
DESTRYPNIF(MSE)IGATVENDNAKLCYIYKFRARFAVLAHLLTQREGLPAKQEVIENYQKNQ(MSE)YLDDYSCCEVS
CTC
;
_entity_poly.pdbx_strand_id   A
#
# COMPACT_ATOMS: atom_id res chain seq x y z
N GLN A 3 -29.73 -3.90 7.08
CA GLN A 3 -29.69 -4.44 5.70
C GLN A 3 -28.75 -5.61 5.50
N HIS A 4 -29.20 -6.56 4.70
CA HIS A 4 -28.43 -7.72 4.32
C HIS A 4 -27.69 -7.32 3.04
N HIS A 5 -26.51 -6.72 3.19
CA HIS A 5 -25.78 -6.24 2.03
C HIS A 5 -25.15 -7.39 1.27
N LYS A 6 -24.99 -7.20 -0.03
CA LYS A 6 -24.29 -8.17 -0.85
C LYS A 6 -22.79 -8.15 -0.52
N VAL A 7 -22.19 -6.96 -0.48
CA VAL A 7 -20.78 -6.78 -0.23
C VAL A 7 -20.44 -5.69 0.82
N ALA A 8 -19.46 -5.98 1.67
CA ALA A 8 -18.81 -4.99 2.55
C ALA A 8 -17.31 -5.01 2.28
N ILE A 9 -16.74 -3.85 2.02
CA ILE A 9 -15.31 -3.68 1.75
C ILE A 9 -14.75 -3.02 3.00
N ILE A 10 -13.72 -3.60 3.59
CA ILE A 10 -13.12 -3.00 4.77
C ILE A 10 -11.93 -2.18 4.33
N GLY A 11 -12.10 -0.86 4.36
CA GLY A 11 -11.05 0.08 4.00
C GLY A 11 -11.38 0.81 2.72
N ALA A 12 -11.24 2.13 2.74
CA ALA A 12 -11.52 3.00 1.59
C ALA A 12 -10.21 3.64 1.11
N GLY A 13 -9.23 2.77 0.85
CA GLY A 13 -7.97 3.16 0.28
C GLY A 13 -7.98 2.85 -1.21
N ALA A 14 -6.79 2.76 -1.83
CA ALA A 14 -6.69 2.47 -3.26
C ALA A 14 -7.52 1.25 -3.66
N ALA A 15 -7.33 0.15 -2.95
CA ALA A 15 -7.95 -1.14 -3.25
C ALA A 15 -9.46 -1.19 -3.01
N GLY A 16 -9.91 -0.64 -1.89
CA GLY A 16 -11.33 -0.60 -1.58
C GLY A 16 -12.13 0.24 -2.54
N ILE A 17 -11.63 1.42 -2.89
CA ILE A 17 -12.32 2.28 -3.87
C ILE A 17 -12.35 1.59 -5.24
N GLY A 18 -11.19 1.10 -5.68
CA GLY A 18 -11.11 0.39 -6.95
C GLY A 18 -12.05 -0.80 -7.02
N ALA A 20 -14.83 -1.40 -5.26
CA ALA A 20 -16.20 -0.93 -5.29
C ALA A 20 -16.61 -0.52 -6.74
N ILE A 21 -15.74 0.23 -7.44
CA ILE A 21 -16.01 0.61 -8.83
C ILE A 21 -16.11 -0.61 -9.77
N THR A 22 -15.23 -1.58 -9.59
CA THR A 22 -15.23 -2.78 -10.42
C THR A 22 -16.49 -3.61 -10.17
N LEU A 23 -16.90 -3.69 -8.90
CA LEU A 23 -18.11 -4.46 -8.55
C LEU A 23 -19.31 -3.84 -9.23
N LYS A 24 -19.35 -2.51 -9.28
CA LYS A 24 -20.40 -1.78 -9.97
C LYS A 24 -20.43 -2.13 -11.45
N ASP A 25 -19.27 -2.19 -12.09
CA ASP A 25 -19.18 -2.58 -13.51
C ASP A 25 -19.70 -4.01 -13.78
N PHE A 26 -19.67 -4.87 -12.77
CA PHE A 26 -20.13 -6.24 -12.91
C PHE A 26 -21.56 -6.38 -12.45
N GLY A 27 -22.21 -5.23 -12.24
CA GLY A 27 -23.60 -5.18 -11.86
C GLY A 27 -23.86 -5.39 -10.39
N ILE A 28 -22.84 -5.24 -9.56
CA ILE A 28 -23.02 -5.45 -8.13
C ILE A 28 -22.87 -4.10 -7.49
N THR A 29 -23.99 -3.58 -7.01
CA THR A 29 -24.07 -2.22 -6.46
C THR A 29 -24.40 -2.15 -4.98
N ASP A 30 -24.98 -3.21 -4.41
CA ASP A 30 -25.26 -3.23 -2.98
C ASP A 30 -23.98 -3.52 -2.21
N VAL A 31 -23.10 -2.52 -2.21
CA VAL A 31 -21.76 -2.59 -1.66
C VAL A 31 -21.56 -1.44 -0.70
N ILE A 32 -21.17 -1.73 0.54
CA ILE A 32 -20.79 -0.67 1.48
C ILE A 32 -19.29 -0.70 1.69
N ILE A 33 -18.67 0.47 1.86
CA ILE A 33 -17.24 0.58 2.19
C ILE A 33 -17.12 1.17 3.59
N LEU A 34 -16.38 0.51 4.48
CA LEU A 34 -16.20 0.95 5.87
C LEU A 34 -14.78 1.41 6.09
N GLU A 35 -14.61 2.68 6.44
CA GLU A 35 -13.30 3.31 6.59
C GLU A 35 -13.08 3.94 7.98
N LYS A 36 -11.93 3.65 8.61
CA LYS A 36 -11.64 4.14 9.97
C LYS A 36 -11.38 5.64 10.00
N GLY A 37 -10.74 6.19 8.97
CA GLY A 37 -10.51 7.63 8.85
C GLY A 37 -11.39 8.17 7.74
N THR A 38 -10.77 8.78 6.74
CA THR A 38 -11.47 9.29 5.56
C THR A 38 -10.91 8.60 4.33
N VAL A 39 -11.55 8.79 3.17
CA VAL A 39 -11.11 8.18 1.91
C VAL A 39 -9.65 8.54 1.68
N GLY A 40 -8.81 7.53 1.46
CA GLY A 40 -7.38 7.75 1.24
C GLY A 40 -6.58 8.07 2.47
N HIS A 41 -7.05 7.63 3.63
CA HIS A 41 -6.39 7.88 4.91
C HIS A 41 -4.86 7.71 4.87
N SER A 42 -4.37 6.59 4.36
CA SER A 42 -2.92 6.31 4.34
C SER A 42 -2.10 7.34 3.53
N PHE A 43 -2.63 7.68 2.37
CA PHE A 43 -2.02 8.64 1.49
C PHE A 43 -1.92 10.04 2.14
N LYS A 44 -2.94 10.41 2.91
CA LYS A 44 -2.93 11.69 3.64
C LYS A 44 -1.84 11.72 4.70
N HIS A 45 -1.37 10.55 5.13
CA HIS A 45 -0.33 10.45 6.14
C HIS A 45 1.04 10.04 5.58
N TRP A 46 1.23 10.17 4.27
CA TRP A 46 2.57 10.08 3.71
C TRP A 46 3.31 11.33 4.13
N PRO A 47 4.64 11.24 4.24
CA PRO A 47 5.38 12.48 4.39
C PRO A 47 5.04 13.39 3.21
N LYS A 48 5.04 14.69 3.48
CA LYS A 48 4.56 15.73 2.53
C LYS A 48 5.25 15.68 1.18
N SER A 49 6.51 15.29 1.18
CA SER A 49 7.33 15.31 -0.01
C SER A 49 7.33 13.99 -0.82
N THR A 50 6.83 12.93 -0.20
CA THR A 50 6.72 11.63 -0.86
C THR A 50 5.85 11.71 -2.13
N ARG A 51 6.36 11.12 -3.21
CA ARG A 51 5.63 11.06 -4.49
C ARG A 51 5.64 9.61 -4.99
N THR A 52 4.61 9.20 -5.71
CA THR A 52 4.64 7.87 -6.30
C THR A 52 5.89 7.74 -7.22
N ILE A 53 6.60 6.61 -7.08
CA ILE A 53 7.70 6.26 -7.97
C ILE A 53 7.20 5.86 -9.36
N THR A 54 5.97 5.37 -9.43
CA THR A 54 5.31 5.02 -10.67
C THR A 54 4.72 6.25 -11.33
N PRO A 55 5.07 6.46 -12.61
CA PRO A 55 4.61 7.69 -13.24
C PRO A 55 3.23 7.56 -13.85
N SER A 56 2.42 8.60 -13.68
CA SER A 56 1.08 8.72 -14.28
C SER A 56 1.16 9.42 -15.64
N PHE A 57 0.53 8.80 -16.65
CA PHE A 57 0.35 9.35 -17.99
C PHE A 57 -0.98 8.79 -18.42
N THR A 58 -1.80 9.60 -19.08
CA THR A 58 -3.11 9.14 -19.51
C THR A 58 -3.03 8.41 -20.84
N SER A 59 -2.62 7.16 -20.75
CA SER A 59 -2.53 6.20 -21.85
C SER A 59 -3.83 5.40 -21.95
N ASN A 60 -4.78 5.69 -21.07
CA ASN A 60 -6.09 5.01 -21.01
C ASN A 60 -6.74 4.63 -22.33
N GLY A 61 -6.70 5.47 -23.33
CA GLY A 61 -7.33 5.06 -24.58
C GLY A 61 -6.72 3.80 -25.21
N PHE A 62 -5.40 3.76 -25.35
CA PHE A 62 -4.74 2.71 -26.12
C PHE A 62 -4.21 1.53 -25.32
N GLY A 63 -5.09 0.96 -24.50
CA GLY A 63 -4.83 -0.34 -23.86
C GLY A 63 -4.21 -0.43 -22.48
N PRO A 65 -4.57 1.87 -18.76
CA PRO A 65 -4.86 3.02 -17.97
C PRO A 65 -3.64 3.50 -17.18
N ASP A 66 -3.56 4.83 -17.01
CA ASP A 66 -2.62 5.48 -16.11
C ASP A 66 -2.35 4.48 -14.98
N ASN A 68 -1.34 4.58 -12.03
CA ASN A 68 -1.71 4.89 -10.65
C ASN A 68 -3.23 4.96 -10.45
N ALA A 69 -3.98 4.75 -11.55
CA ALA A 69 -5.45 4.79 -11.54
C ALA A 69 -5.95 3.47 -10.96
N ILE A 70 -7.08 3.48 -10.26
CA ILE A 70 -7.62 2.26 -9.70
C ILE A 70 -8.85 1.83 -10.45
N SER A 71 -9.17 2.54 -11.53
CA SER A 71 -10.25 2.11 -12.42
C SER A 71 -9.85 2.36 -13.89
N ASP A 73 -11.28 3.89 -16.40
CA ASP A 73 -11.65 5.15 -17.02
C ASP A 73 -11.19 6.36 -16.25
N THR A 74 -10.26 6.18 -15.32
CA THR A 74 -9.72 7.27 -14.52
C THR A 74 -8.20 7.37 -14.64
N SER A 75 -7.69 8.52 -14.19
CA SER A 75 -6.29 8.86 -14.31
C SER A 75 -5.87 10.06 -13.44
N PRO A 76 -5.03 9.85 -12.42
CA PRO A 76 -4.54 11.07 -11.76
C PRO A 76 -3.86 12.09 -12.70
N ALA A 77 -3.24 11.63 -13.78
CA ALA A 77 -2.62 12.57 -14.75
C ALA A 77 -3.68 13.40 -15.42
N PHE A 78 -4.84 12.80 -15.66
CA PHE A 78 -5.98 13.51 -16.25
C PHE A 78 -6.55 14.57 -15.29
N THR A 79 -6.99 14.14 -14.11
CA THR A 79 -7.54 15.05 -13.11
C THR A 79 -6.55 16.11 -12.68
N PHE A 80 -5.28 15.78 -12.47
CA PHE A 80 -4.33 16.69 -11.81
C PHE A 80 -3.16 17.20 -12.61
N ASN A 81 -2.97 16.69 -13.83
CA ASN A 81 -1.84 17.09 -14.67
C ASN A 81 -0.50 16.95 -14.00
N GLU A 82 -0.34 15.88 -13.21
CA GLU A 82 0.90 15.55 -12.53
C GLU A 82 1.30 14.13 -12.91
N GLU A 83 2.60 13.86 -12.86
CA GLU A 83 3.16 12.56 -13.20
C GLU A 83 3.50 11.77 -11.96
N HIS A 84 4.17 12.41 -11.02
CA HIS A 84 4.54 11.78 -9.76
C HIS A 84 3.68 12.41 -8.67
N ILE A 85 2.77 11.60 -8.13
CA ILE A 85 1.65 12.07 -7.31
C ILE A 85 1.96 12.11 -5.82
N SER A 86 1.63 13.22 -5.16
CA SER A 86 1.69 13.32 -3.70
C SER A 86 0.60 12.48 -3.08
N GLY A 87 0.81 12.12 -1.82
CA GLY A 87 -0.19 11.34 -1.09
C GLY A 87 -1.47 12.12 -0.91
N GLU A 88 -1.31 13.41 -0.68
CA GLU A 88 -2.42 14.31 -0.52
C GLU A 88 -3.26 14.37 -1.80
N THR A 89 -2.60 14.50 -2.96
CA THR A 89 -3.27 14.52 -4.25
C THR A 89 -3.97 13.21 -4.57
N TYR A 90 -3.35 12.08 -4.17
CA TYR A 90 -3.87 10.74 -4.44
C TYR A 90 -5.11 10.48 -3.57
N ALA A 91 -5.12 10.96 -2.32
CA ALA A 91 -6.32 10.92 -1.48
C ALA A 91 -7.48 11.63 -2.17
N GLU A 92 -7.19 12.80 -2.75
CA GLU A 92 -8.20 13.60 -3.45
C GLU A 92 -8.65 12.88 -4.74
N TYR A 93 -7.72 12.22 -5.42
CA TYR A 93 -8.06 11.42 -6.57
C TYR A 93 -9.08 10.37 -6.16
N LEU A 94 -8.82 9.65 -5.07
CA LEU A 94 -9.74 8.63 -4.59
C LEU A 94 -11.11 9.24 -4.16
N GLN A 95 -11.09 10.45 -3.61
CA GLN A 95 -12.31 11.15 -3.25
C GLN A 95 -13.09 11.58 -4.50
N VAL A 96 -12.40 12.13 -5.50
CA VAL A 96 -13.06 12.55 -6.76
C VAL A 96 -13.77 11.38 -7.46
N VAL A 97 -13.08 10.26 -7.54
CA VAL A 97 -13.61 9.04 -8.13
C VAL A 97 -14.73 8.40 -7.31
N ALA A 98 -14.62 8.41 -5.99
CA ALA A 98 -15.66 7.93 -5.10
C ALA A 98 -16.95 8.75 -5.22
N ASN A 99 -16.80 10.08 -5.28
CA ASN A 99 -17.96 10.99 -5.48
C ASN A 99 -18.61 10.74 -6.82
N HIS A 100 -17.80 10.60 -7.86
CA HIS A 100 -18.33 10.42 -9.22
C HIS A 100 -19.11 9.12 -9.36
N TYR A 101 -18.57 8.02 -8.89
CA TYR A 101 -19.25 6.72 -9.03
C TYR A 101 -20.24 6.48 -7.90
N GLU A 102 -20.45 7.48 -7.04
CA GLU A 102 -21.47 7.45 -5.98
C GLU A 102 -21.33 6.21 -5.12
N LEU A 103 -20.13 6.05 -4.54
CA LEU A 103 -19.88 4.89 -3.71
C LEU A 103 -20.54 5.17 -2.37
N ASN A 104 -20.98 4.11 -1.73
CA ASN A 104 -21.63 4.19 -0.44
C ASN A 104 -20.56 3.89 0.62
N ILE A 105 -19.98 4.97 1.16
CA ILE A 105 -18.86 4.88 2.07
C ILE A 105 -19.18 5.46 3.44
N PHE A 106 -18.74 4.77 4.47
CA PHE A 106 -18.95 5.22 5.83
C PHE A 106 -17.57 5.49 6.42
N GLU A 107 -17.25 6.77 6.54
CA GLU A 107 -16.02 7.21 7.13
C GLU A 107 -16.12 7.20 8.65
N ASN A 108 -14.98 7.34 9.30
CA ASN A 108 -14.84 7.32 10.77
C ASN A 108 -15.57 6.16 11.40
N THR A 109 -15.32 4.97 10.83
CA THR A 109 -15.92 3.72 11.31
C THR A 109 -14.83 2.65 11.40
N VAL A 110 -14.35 2.42 12.61
CA VAL A 110 -13.34 1.42 12.84
C VAL A 110 -14.00 0.05 12.99
N VAL A 111 -13.84 -0.82 11.98
CA VAL A 111 -14.34 -2.19 12.03
C VAL A 111 -13.49 -2.92 13.05
N THR A 112 -14.18 -3.54 14.02
CA THR A 112 -13.55 -4.21 15.17
C THR A 112 -13.62 -5.74 15.15
N ASN A 113 -14.68 -6.29 14.57
CA ASN A 113 -14.85 -7.73 14.54
C ASN A 113 -15.73 -8.16 13.37
N ILE A 114 -15.33 -9.22 12.70
CA ILE A 114 -16.16 -9.83 11.68
C ILE A 114 -16.33 -11.30 12.07
N SER A 115 -17.56 -11.80 11.99
CA SER A 115 -17.91 -13.17 12.36
C SER A 115 -19.04 -13.71 11.52
N ALA A 116 -19.14 -15.04 11.48
CA ALA A 116 -20.12 -15.72 10.64
C ALA A 116 -21.47 -15.82 11.34
N ASP A 117 -22.54 -15.48 10.64
CA ASP A 117 -23.91 -15.76 11.07
C ASP A 117 -24.49 -16.71 10.01
N ASP A 118 -25.75 -17.09 10.18
CA ASP A 118 -26.36 -18.07 9.31
C ASP A 118 -26.41 -17.60 7.85
N ALA A 119 -27.14 -16.53 7.58
CA ALA A 119 -27.33 -16.06 6.20
C ALA A 119 -26.29 -15.05 5.67
N TYR A 120 -25.34 -14.63 6.50
CA TYR A 120 -24.34 -13.60 6.12
C TYR A 120 -23.20 -13.47 7.17
N TYR A 121 -22.27 -12.56 6.93
CA TYR A 121 -21.23 -12.17 7.91
C TYR A 121 -21.68 -10.92 8.65
N THR A 122 -21.39 -10.85 9.95
CA THR A 122 -21.73 -9.69 10.79
C THR A 122 -20.48 -8.90 11.14
N ILE A 123 -20.57 -7.58 10.98
CA ILE A 123 -19.46 -6.66 11.08
C ILE A 123 -19.68 -5.69 12.22
N ALA A 124 -18.94 -5.89 13.31
CA ALA A 124 -18.99 -5.03 14.48
C ALA A 124 -18.07 -3.87 14.21
N THR A 125 -18.54 -2.65 14.52
CA THR A 125 -17.73 -1.45 14.35
C THR A 125 -17.90 -0.56 15.60
N THR A 126 -17.16 0.56 15.61
CA THR A 126 -17.25 1.54 16.68
C THR A 126 -18.43 2.48 16.42
N THR A 127 -19.14 2.25 15.32
CA THR A 127 -20.26 3.08 14.96
C THR A 127 -21.54 2.26 15.15
N GLU A 128 -21.81 1.34 14.22
CA GLU A 128 -22.98 0.48 14.29
C GLU A 128 -22.63 -0.84 13.59
N THR A 129 -23.50 -1.84 13.72
CA THR A 129 -23.24 -3.15 13.14
C THR A 129 -23.76 -3.24 11.71
N TYR A 130 -23.00 -3.90 10.83
CA TYR A 130 -23.40 -4.12 9.43
C TYR A 130 -23.33 -5.61 9.10
N HIS A 131 -23.99 -6.00 8.01
CA HIS A 131 -24.14 -7.41 7.62
C HIS A 131 -23.88 -7.50 6.13
N ALA A 132 -23.18 -8.54 5.70
CA ALA A 132 -22.84 -8.71 4.26
C ALA A 132 -22.52 -10.15 3.87
N ASP A 133 -22.87 -10.53 2.65
CA ASP A 133 -22.52 -11.86 2.14
C ASP A 133 -21.01 -12.00 1.86
N TYR A 134 -20.47 -11.09 1.06
CA TYR A 134 -19.05 -11.13 0.68
C TYR A 134 -18.29 -9.99 1.35
N ILE A 135 -17.09 -10.29 1.88
CA ILE A 135 -16.20 -9.33 2.53
C ILE A 135 -14.89 -9.22 1.77
N PHE A 136 -14.51 -8.00 1.44
CA PHE A 136 -13.19 -7.72 0.87
C PHE A 136 -12.37 -6.99 1.92
N VAL A 137 -11.36 -7.67 2.45
CA VAL A 137 -10.49 -7.08 3.44
C VAL A 137 -9.45 -6.24 2.64
N ALA A 138 -9.57 -4.91 2.75
CA ALA A 138 -8.76 -3.94 2.01
C ALA A 138 -8.12 -2.96 2.99
N THR A 139 -7.62 -3.50 4.11
CA THR A 139 -7.13 -2.72 5.23
C THR A 139 -5.64 -2.29 5.18
N GLY A 140 -4.89 -2.78 4.20
CA GLY A 140 -3.49 -2.43 4.06
C GLY A 140 -2.62 -2.75 5.26
N ASP A 141 -1.58 -1.94 5.45
CA ASP A 141 -0.67 -2.12 6.58
C ASP A 141 0.07 -0.87 7.04
N TYR A 142 -0.34 0.32 6.57
CA TYR A 142 0.40 1.57 6.84
C TYR A 142 0.43 1.92 8.33
N ASN A 143 -0.60 1.48 9.04
CA ASN A 143 -0.67 1.74 10.46
C ASN A 143 0.07 0.67 11.29
N PHE A 144 0.71 -0.29 10.63
CA PHE A 144 1.53 -1.28 11.35
C PHE A 144 2.98 -1.32 10.82
N PRO A 145 3.70 -0.20 10.98
CA PRO A 145 5.08 -0.13 10.57
C PRO A 145 5.93 -0.96 11.49
N LYS A 146 7.03 -1.50 10.96
CA LYS A 146 7.93 -2.31 11.76
C LYS A 146 8.88 -1.43 12.54
N LYS A 147 8.77 -1.49 13.87
CA LYS A 147 9.62 -0.74 14.77
C LYS A 147 10.29 -1.67 15.77
N PRO A 148 11.30 -2.42 15.32
CA PRO A 148 11.85 -3.46 16.19
C PRO A 148 12.79 -3.01 17.31
N PHE A 149 13.21 -1.74 17.31
CA PHE A 149 14.22 -1.23 18.26
C PHE A 149 13.65 -0.31 19.32
N LYS A 150 14.46 -0.02 20.34
CA LYS A 150 14.06 0.89 21.44
C LYS A 150 13.76 2.28 20.89
N TYR A 151 14.53 2.71 19.89
CA TYR A 151 14.37 4.02 19.24
C TYR A 151 14.31 3.95 17.71
N GLY A 152 14.08 5.11 17.10
CA GLY A 152 14.00 5.26 15.65
C GLY A 152 12.64 5.81 15.25
N ILE A 153 12.65 6.78 14.31
CA ILE A 153 11.45 7.41 13.74
C ILE A 153 11.16 6.70 12.41
N HIS A 154 10.01 6.05 12.32
CA HIS A 154 9.63 5.38 11.10
C HIS A 154 9.27 6.39 9.99
N TYR A 155 9.66 6.06 8.77
CA TYR A 155 9.40 6.89 7.60
C TYR A 155 7.94 7.35 7.51
N SER A 156 7.02 6.44 7.84
CA SER A 156 5.59 6.68 7.76
C SER A 156 5.05 7.69 8.77
N GLU A 157 5.84 7.99 9.80
CA GLU A 157 5.46 8.93 10.85
C GLU A 157 6.09 10.32 10.68
N ILE A 158 6.85 10.53 9.60
CA ILE A 158 7.42 11.85 9.29
C ILE A 158 6.37 12.66 8.54
N GLU A 159 6.01 13.83 9.04
CA GLU A 159 5.04 14.67 8.35
C GLU A 159 5.70 15.42 7.23
N ASP A 160 6.88 15.94 7.50
CA ASP A 160 7.56 16.74 6.53
C ASP A 160 9.03 16.69 6.82
N PHE A 161 9.80 16.20 5.86
CA PHE A 161 11.25 16.14 5.98
C PHE A 161 11.91 17.53 6.16
N ASP A 162 11.19 18.59 5.75
CA ASP A 162 11.67 19.96 5.98
C ASP A 162 11.74 20.33 7.46
N ASN A 163 10.97 19.66 8.31
CA ASN A 163 11.02 19.96 9.73
C ASN A 163 12.34 19.54 10.38
N PHE A 164 13.11 18.66 9.73
CA PHE A 164 14.42 18.28 10.24
C PHE A 164 15.40 19.39 9.96
N ASN A 165 16.11 19.82 11.00
CA ASN A 165 17.16 20.80 10.83
C ASN A 165 18.30 20.18 10.03
N LYS A 166 19.00 21.02 9.26
CA LYS A 166 20.21 20.61 8.55
C LYS A 166 21.18 19.96 9.54
N GLY A 167 21.73 18.81 9.16
CA GLY A 167 22.65 18.11 10.03
C GLY A 167 23.06 16.73 9.57
N GLN A 168 23.22 15.83 10.54
CA GLN A 168 23.74 14.50 10.33
C GLN A 168 22.71 13.46 10.70
N TYR A 169 22.27 12.72 9.69
CA TYR A 169 21.23 11.74 9.85
C TYR A 169 21.65 10.36 9.39
N VAL A 170 21.02 9.36 10.00
CA VAL A 170 21.19 7.97 9.65
C VAL A 170 19.84 7.44 9.23
N VAL A 171 19.84 6.67 8.14
CA VAL A 171 18.63 6.01 7.63
C VAL A 171 18.91 4.51 7.61
N ILE A 172 17.97 3.73 8.15
CA ILE A 172 18.08 2.26 8.18
C ILE A 172 17.07 1.66 7.22
N GLY A 173 17.57 0.91 6.24
CA GLY A 173 16.74 0.34 5.18
C GLY A 173 17.09 0.96 3.85
N GLY A 174 17.59 0.15 2.92
CA GLY A 174 18.01 0.65 1.62
C GLY A 174 17.03 0.26 0.54
N ASN A 175 15.86 0.88 0.57
CA ASN A 175 14.78 0.55 -0.34
C ASN A 175 14.25 1.87 -0.84
N GLU A 176 13.15 1.83 -1.58
CA GLU A 176 12.57 3.04 -2.12
C GLU A 176 12.40 4.15 -1.07
N SER A 177 11.85 3.83 0.09
CA SER A 177 11.61 4.84 1.14
C SER A 177 12.89 5.35 1.80
N GLY A 178 13.83 4.44 2.02
CA GLY A 178 15.11 4.79 2.59
C GLY A 178 15.91 5.73 1.70
N PHE A 179 15.96 5.44 0.40
CA PHE A 179 16.66 6.33 -0.53
C PHE A 179 15.92 7.65 -0.71
N ASP A 180 14.58 7.62 -0.64
CA ASP A 180 13.81 8.86 -0.67
C ASP A 180 14.14 9.72 0.55
N ALA A 181 14.21 9.08 1.72
CA ALA A 181 14.55 9.81 2.95
C ALA A 181 15.92 10.50 2.79
N ALA A 182 16.90 9.76 2.28
CA ALA A 182 18.24 10.26 2.05
C ALA A 182 18.20 11.46 1.13
N TYR A 183 17.47 11.33 0.03
CA TYR A 183 17.35 12.39 -0.97
C TYR A 183 16.65 13.63 -0.41
N GLN A 184 15.58 13.44 0.36
CA GLN A 184 14.84 14.59 0.92
C GLN A 184 15.72 15.36 1.90
N LEU A 185 16.40 14.65 2.78
CA LEU A 185 17.31 15.29 3.73
C LEU A 185 18.51 15.91 3.03
N ALA A 186 19.15 15.19 2.10
CA ALA A 186 20.33 15.71 1.39
C ALA A 186 20.02 16.93 0.54
N LYS A 187 18.85 16.98 -0.07
CA LYS A 187 18.48 18.14 -0.89
C LYS A 187 18.41 19.41 -0.04
N ASN A 188 18.19 19.28 1.28
CA ASN A 188 18.22 20.43 2.20
C ASN A 188 19.59 20.66 2.85
N GLY A 189 20.63 19.96 2.36
CA GLY A 189 22.01 20.13 2.80
C GLY A 189 22.53 19.27 3.95
N SER A 190 21.72 18.34 4.44
CA SER A 190 22.17 17.39 5.47
C SER A 190 23.11 16.30 4.89
N ASP A 191 23.93 15.70 5.75
CA ASP A 191 24.78 14.54 5.42
C ASP A 191 24.06 13.29 5.90
N ILE A 192 23.97 12.27 5.04
CA ILE A 192 23.26 11.06 5.40
C ILE A 192 24.14 9.82 5.31
N ALA A 193 24.00 8.95 6.30
CA ALA A 193 24.61 7.63 6.33
C ALA A 193 23.44 6.64 6.21
N LEU A 194 23.50 5.75 5.23
CA LEU A 194 22.43 4.78 5.02
C LEU A 194 22.99 3.39 5.32
N TYR A 195 22.23 2.61 6.09
CA TYR A 195 22.59 1.24 6.41
C TYR A 195 21.52 0.31 5.82
N THR A 196 21.96 -0.68 5.06
CA THR A 196 21.04 -1.56 4.31
C THR A 196 21.37 -3.05 4.52
N SER A 197 20.34 -3.90 4.52
CA SER A 197 20.48 -5.38 4.69
C SER A 197 21.41 -6.01 3.63
N PRO A 208 22.13 -2.02 -3.37
CA PRO A 208 20.67 -1.99 -3.35
C PRO A 208 20.08 -1.01 -4.35
N SER A 209 20.94 -0.12 -4.86
CA SER A 209 20.60 0.83 -5.92
C SER A 209 20.19 0.13 -7.23
N VAL A 210 20.50 -1.16 -7.36
CA VAL A 210 20.13 -1.95 -8.55
C VAL A 210 18.60 -2.25 -8.62
N ARG A 211 17.92 -2.39 -7.47
CA ARG A 211 16.45 -2.67 -7.44
C ARG A 211 15.60 -1.39 -7.60
N LEU A 212 16.28 -0.25 -7.49
CA LEU A 212 15.67 1.06 -7.38
C LEU A 212 15.00 1.53 -8.67
N SER A 213 13.83 2.14 -8.54
CA SER A 213 13.10 2.69 -9.67
C SER A 213 13.87 3.82 -10.35
N PRO A 214 13.63 4.03 -11.64
CA PRO A 214 14.24 5.14 -12.30
C PRO A 214 14.01 6.49 -11.61
N TYR A 215 12.80 6.76 -11.14
CA TYR A 215 12.49 8.04 -10.51
C TYR A 215 13.41 8.35 -9.32
N THR A 216 13.49 7.44 -8.37
CA THR A 216 14.34 7.60 -7.22
C THR A 216 15.80 7.50 -7.59
N ARG A 217 16.14 6.61 -8.50
CA ARG A 217 17.54 6.53 -8.94
C ARG A 217 18.05 7.85 -9.55
N GLN A 218 17.23 8.51 -10.37
CA GLN A 218 17.66 9.75 -11.01
C GLN A 218 17.69 10.93 -10.05
N ARG A 219 16.75 10.99 -9.10
CA ARG A 219 16.72 12.09 -8.15
C ARG A 219 17.93 12.03 -7.21
N LEU A 220 18.20 10.81 -6.74
CA LEU A 220 19.31 10.49 -5.84
C LEU A 220 20.64 10.79 -6.55
N GLY A 221 20.73 10.39 -7.80
CA GLY A 221 21.94 10.57 -8.56
C GLY A 221 22.21 12.02 -8.85
N ASN A 222 21.17 12.83 -8.93
CA ASN A 222 21.35 14.22 -9.28
C ASN A 222 21.88 15.01 -8.08
N VAL A 223 21.29 14.83 -6.91
CA VAL A 223 21.82 15.50 -5.71
C VAL A 223 23.24 15.06 -5.41
N ILE A 224 23.54 13.77 -5.58
CA ILE A 224 24.90 13.24 -5.42
C ILE A 224 25.87 13.86 -6.42
N LYS A 225 25.50 13.88 -7.70
CA LYS A 225 26.34 14.47 -8.76
C LYS A 225 26.62 15.95 -8.48
N GLN A 226 25.71 16.60 -7.75
CA GLN A 226 25.87 17.97 -7.31
C GLN A 226 26.55 18.07 -5.93
N GLY A 227 27.24 17.00 -5.54
CA GLY A 227 28.04 17.03 -4.31
C GLY A 227 27.40 16.56 -3.04
N ALA A 228 26.09 16.27 -3.04
CA ALA A 228 25.43 15.80 -1.82
C ALA A 228 26.25 14.66 -1.17
N ARG A 229 26.27 14.67 0.15
CA ARG A 229 27.02 13.73 0.95
C ARG A 229 26.06 12.65 1.43
N ILE A 230 25.94 11.59 0.63
CA ILE A 230 25.11 10.41 0.96
C ILE A 230 26.00 9.20 0.88
N GLU A 231 26.15 8.50 1.98
CA GLU A 231 27.00 7.34 1.99
C GLU A 231 26.18 6.12 2.36
N ASN A 233 26.38 1.97 3.65
CA ASN A 233 27.06 0.83 4.23
C ASN A 233 26.13 -0.35 3.97
N VAL A 234 26.66 -1.38 3.30
CA VAL A 234 25.82 -2.36 2.60
C VAL A 234 25.67 -3.76 3.17
N HIS A 235 26.55 -4.21 4.06
CA HIS A 235 26.26 -5.49 4.72
C HIS A 235 26.21 -5.31 6.23
N TYR A 236 25.09 -4.70 6.64
CA TYR A 236 24.84 -4.35 8.02
C TYR A 236 23.39 -4.68 8.40
N THR A 237 23.24 -5.28 9.57
CA THR A 237 21.91 -5.51 10.16
C THR A 237 21.94 -4.91 11.54
N VAL A 238 20.91 -4.10 11.81
CA VAL A 238 20.78 -3.42 13.08
C VAL A 238 20.27 -4.42 14.13
N LYS A 239 20.93 -4.42 15.28
CA LYS A 239 20.56 -5.28 16.40
C LYS A 239 19.58 -4.48 17.27
N ASP A 240 20.02 -3.29 17.70
CA ASP A 240 19.21 -2.42 18.54
C ASP A 240 19.67 -0.97 18.39
N ILE A 241 18.81 -0.05 18.80
CA ILE A 241 19.16 1.35 18.90
C ILE A 241 18.82 1.81 20.33
N ASP A 242 19.80 2.42 21.01
CA ASP A 242 19.67 2.97 22.36
C ASP A 242 20.12 4.44 22.37
N PHE A 243 19.79 5.16 23.46
CA PHE A 243 20.21 6.55 23.63
C PHE A 243 20.89 6.74 25.00
N ASN A 244 22.14 7.19 24.97
CA ASN A 244 22.91 7.42 26.20
C ASN A 244 24.10 8.34 25.95
N ASN A 245 24.51 9.07 27.00
CA ASN A 245 25.62 10.00 26.91
C ASN A 245 25.39 11.04 25.79
N GLY A 246 24.16 11.54 25.70
CA GLY A 246 23.79 12.58 24.74
C GLY A 246 23.68 12.20 23.27
N GLN A 247 23.55 10.91 22.97
CA GLN A 247 23.50 10.47 21.57
C GLN A 247 22.94 9.08 21.38
N TYR A 248 22.65 8.75 20.12
CA TYR A 248 22.10 7.47 19.73
C TYR A 248 23.19 6.47 19.39
N HIS A 249 23.04 5.23 19.84
CA HIS A 249 24.00 4.18 19.59
C HIS A 249 23.39 3.03 18.80
N ILE A 250 23.84 2.87 17.55
CA ILE A 250 23.37 1.78 16.70
C ILE A 250 24.33 0.61 16.77
N SER A 251 23.83 -0.53 17.24
CA SER A 251 24.64 -1.75 17.35
C SER A 251 24.19 -2.73 16.26
N PHE A 252 25.18 -3.35 15.62
CA PHE A 252 24.94 -4.28 14.52
C PHE A 252 25.28 -5.72 14.91
N ASP A 253 24.76 -6.68 14.12
CA ASP A 253 25.06 -8.10 14.32
C ASP A 253 26.56 -8.31 14.18
N SER A 254 27.08 -8.12 12.97
CA SER A 254 28.52 -8.18 12.72
C SER A 254 29.02 -6.76 12.43
N GLY A 255 29.73 -6.16 13.37
CA GLY A 255 30.32 -4.83 13.17
C GLY A 255 30.33 -3.90 14.36
N GLN A 256 31.35 -3.03 14.41
CA GLN A 256 31.48 -2.03 15.49
C GLN A 256 30.24 -1.13 15.54
N SER A 257 29.87 -0.69 16.74
CA SER A 257 28.73 0.20 16.92
C SER A 257 29.02 1.54 16.30
N VAL A 258 27.93 2.30 16.11
CA VAL A 258 27.98 3.65 15.56
C VAL A 258 27.18 4.58 16.45
N HIS A 259 27.59 5.84 16.50
CA HIS A 259 26.97 6.86 17.36
C HIS A 259 26.48 7.98 16.45
N THR A 260 25.32 8.57 16.73
CA THR A 260 24.77 9.61 15.86
C THR A 260 23.95 10.60 16.71
N PRO A 261 24.04 11.90 16.41
CA PRO A 261 23.38 12.92 17.25
C PRO A 261 21.84 12.90 17.26
N HIS A 262 21.21 12.66 16.12
CA HIS A 262 19.72 12.69 16.03
C HIS A 262 19.13 11.29 15.89
N GLU A 263 17.83 11.17 16.15
CA GLU A 263 17.19 9.86 16.12
C GLU A 263 17.23 9.31 14.73
N PRO A 264 17.65 8.03 14.56
CA PRO A 264 17.67 7.39 13.24
C PRO A 264 16.30 7.22 12.61
N ILE A 265 16.25 7.31 11.29
CA ILE A 265 15.02 7.17 10.53
C ILE A 265 14.94 5.74 10.02
N LEU A 266 13.82 5.06 10.31
CA LEU A 266 13.63 3.67 9.89
C LEU A 266 12.78 3.58 8.61
N ALA A 267 13.39 3.10 7.53
CA ALA A 267 12.65 2.73 6.32
C ALA A 267 12.54 1.21 6.36
N THR A 268 11.87 0.69 7.39
CA THR A 268 11.81 -0.76 7.67
C THR A 268 10.63 -1.58 7.16
N GLY A 269 9.57 -0.96 6.64
CA GLY A 269 8.45 -1.78 6.14
C GLY A 269 7.30 -1.93 7.13
N PHE A 270 6.30 -2.71 6.73
CA PHE A 270 5.06 -2.80 7.49
C PHE A 270 4.64 -4.25 7.58
N ASP A 271 3.64 -4.54 8.41
CA ASP A 271 3.17 -5.91 8.62
C ASP A 271 1.65 -6.01 8.80
N ALA A 272 0.99 -6.46 7.72
CA ALA A 272 -0.45 -6.62 7.67
C ALA A 272 -0.98 -7.64 8.67
N THR A 273 -0.18 -8.64 9.02
CA THR A 273 -0.63 -9.66 9.97
C THR A 273 -0.82 -9.08 11.37
N LYS A 274 -0.34 -7.86 11.63
CA LYS A 274 -0.59 -7.22 12.91
C LYS A 274 -2.01 -6.67 12.98
N ASN A 275 -2.75 -6.66 11.87
CA ASN A 275 -4.12 -6.15 11.88
C ASN A 275 -5.05 -7.23 12.50
N PRO A 276 -5.81 -6.86 13.54
CA PRO A 276 -6.76 -7.79 14.18
C PRO A 276 -7.73 -8.46 13.22
N ILE A 277 -8.30 -7.71 12.29
CA ILE A 277 -9.21 -8.24 11.27
C ILE A 277 -8.55 -9.29 10.39
N VAL A 278 -7.26 -9.14 10.10
CA VAL A 278 -6.54 -10.12 9.28
C VAL A 278 -6.31 -11.36 10.12
N GLN A 279 -5.97 -11.15 11.40
CA GLN A 279 -5.80 -12.26 12.34
C GLN A 279 -7.06 -13.08 12.53
N GLN A 280 -8.21 -12.43 12.55
CA GLN A 280 -9.51 -13.11 12.70
C GLN A 280 -9.96 -13.90 11.47
N LEU A 281 -9.51 -13.51 10.28
CA LEU A 281 -10.08 -14.07 9.04
C LEU A 281 -9.15 -14.92 8.16
N PHE A 282 -7.85 -14.90 8.44
CA PHE A 282 -6.88 -15.63 7.63
C PHE A 282 -5.92 -16.43 8.50
N VAL A 283 -5.31 -17.46 7.91
CA VAL A 283 -4.13 -18.08 8.50
C VAL A 283 -2.97 -17.08 8.20
N THR A 284 -2.27 -16.67 9.25
CA THR A 284 -1.21 -15.66 9.13
C THR A 284 0.12 -16.25 9.63
N THR A 285 0.42 -17.46 9.16
CA THR A 285 1.57 -18.25 9.61
C THR A 285 2.84 -17.51 10.05
N ASN A 286 3.41 -16.64 9.22
CA ASN A 286 4.72 -16.05 9.55
C ASN A 286 4.98 -14.73 8.86
N GLN A 287 4.22 -13.71 9.24
CA GLN A 287 4.21 -12.44 8.51
C GLN A 287 3.62 -12.65 7.10
N ASP A 288 3.19 -13.89 6.81
CA ASP A 288 2.56 -14.27 5.55
C ASP A 288 1.07 -14.49 5.75
N ILE A 289 0.26 -13.98 4.82
CA ILE A 289 -1.19 -14.18 4.83
C ILE A 289 -1.53 -15.28 3.81
N LYS A 290 -2.07 -16.40 4.30
CA LYS A 290 -2.42 -17.55 3.45
C LYS A 290 -3.72 -17.25 2.68
N LEU A 291 -3.66 -17.35 1.35
CA LEU A 291 -4.81 -17.15 0.49
C LEU A 291 -4.94 -18.29 -0.53
N THR A 292 -6.17 -18.56 -1.00
CA THR A 292 -6.34 -19.50 -2.12
C THR A 292 -5.84 -18.83 -3.38
N THR A 293 -5.82 -19.55 -4.49
CA THR A 293 -5.42 -18.97 -5.78
C THR A 293 -6.42 -17.92 -6.26
N HIS A 294 -7.58 -17.76 -5.57
CA HIS A 294 -8.55 -16.68 -5.91
C HIS A 294 -8.57 -15.55 -4.87
N ASP A 295 -7.45 -15.37 -4.19
CA ASP A 295 -7.24 -14.41 -3.11
C ASP A 295 -8.23 -14.56 -1.97
N GLU A 296 -8.72 -15.76 -1.78
CA GLU A 296 -9.74 -16.03 -0.79
C GLU A 296 -9.14 -16.56 0.51
N SER A 297 -9.76 -16.21 1.63
CA SER A 297 -9.37 -16.75 2.93
C SER A 297 -9.51 -18.27 2.87
N THR A 298 -8.59 -18.98 3.53
CA THR A 298 -8.65 -20.43 3.63
C THR A 298 -9.49 -20.86 4.85
N ARG A 299 -9.91 -19.89 5.66
CA ARG A 299 -10.71 -20.16 6.86
C ARG A 299 -12.19 -19.90 6.62
N TYR A 300 -12.50 -18.74 6.06
CA TYR A 300 -13.86 -18.33 5.82
C TYR A 300 -14.15 -18.18 4.34
N PRO A 301 -15.21 -18.84 3.83
CA PRO A 301 -15.58 -18.63 2.41
C PRO A 301 -16.20 -17.25 2.17
N ASN A 302 -16.02 -16.74 0.96
CA ASN A 302 -16.54 -15.43 0.53
C ASN A 302 -15.87 -14.26 1.23
N ILE A 303 -14.71 -14.50 1.85
CA ILE A 303 -13.90 -13.46 2.43
C ILE A 303 -12.59 -13.49 1.66
N PHE A 304 -12.26 -12.31 1.12
CA PHE A 304 -11.16 -12.15 0.20
C PHE A 304 -10.24 -11.05 0.69
N ILE A 306 -7.73 -7.98 -0.71
CA ILE A 306 -7.36 -7.16 -1.88
C ILE A 306 -6.30 -6.10 -1.49
N GLY A 307 -5.61 -5.57 -2.50
CA GLY A 307 -4.61 -4.53 -2.25
C GLY A 307 -3.14 -4.93 -2.27
N ALA A 308 -2.30 -4.05 -1.73
CA ALA A 308 -0.85 -4.15 -1.83
C ALA A 308 -0.26 -5.21 -0.91
N THR A 309 -1.06 -5.70 0.02
CA THR A 309 -0.68 -6.75 0.97
C THR A 309 -0.82 -8.15 0.43
N VAL A 310 -1.41 -8.33 -0.76
CA VAL A 310 -1.56 -9.65 -1.37
C VAL A 310 -0.23 -10.06 -1.98
N GLU A 311 0.40 -11.09 -1.42
CA GLU A 311 1.64 -11.67 -1.96
C GLU A 311 1.28 -13.09 -2.31
N ASN A 312 1.85 -13.66 -3.36
CA ASN A 312 1.61 -15.09 -3.67
C ASN A 312 2.89 -15.88 -4.04
N ASP A 313 4.06 -15.28 -3.80
CA ASP A 313 5.35 -15.89 -4.16
C ASP A 313 5.38 -16.35 -5.64
N ASN A 314 4.54 -15.68 -6.42
CA ASN A 314 4.52 -15.69 -7.88
C ASN A 314 4.33 -14.20 -8.30
N ALA A 315 4.35 -13.30 -7.29
CA ALA A 315 4.02 -11.87 -7.42
C ALA A 315 3.76 -11.27 -6.01
N LYS A 316 4.30 -10.08 -5.75
CA LYS A 316 4.13 -9.41 -4.43
C LYS A 316 2.98 -8.39 -4.44
N LEU A 317 2.45 -8.12 -5.63
CA LEU A 317 1.29 -7.21 -5.83
C LEU A 317 1.32 -5.89 -5.06
N CYS A 318 2.51 -5.36 -4.78
CA CYS A 318 2.63 -4.16 -3.96
C CYS A 318 2.40 -2.84 -4.67
N TYR A 319 2.24 -2.86 -5.99
CA TYR A 319 1.97 -1.68 -6.78
C TYR A 319 0.50 -1.65 -7.20
N ILE A 320 -0.06 -0.46 -7.28
CA ILE A 320 -1.41 -0.24 -7.78
C ILE A 320 -1.64 -1.00 -9.12
N TYR A 321 -0.71 -0.90 -10.08
CA TYR A 321 -0.95 -1.48 -11.41
C TYR A 321 -1.00 -3.00 -11.38
N LYS A 322 -0.50 -3.57 -10.31
CA LYS A 322 -0.51 -5.00 -10.08
C LYS A 322 -1.75 -5.45 -9.32
N PHE A 323 -1.98 -4.93 -8.13
CA PHE A 323 -3.11 -5.39 -7.34
C PHE A 323 -4.47 -5.02 -7.91
N ARG A 324 -4.55 -3.99 -8.73
CA ARG A 324 -5.81 -3.59 -9.31
C ARG A 324 -6.26 -4.56 -10.42
N ALA A 325 -5.34 -5.39 -10.90
CA ALA A 325 -5.64 -6.31 -11.98
C ALA A 325 -6.40 -7.55 -11.47
N ARG A 326 -6.57 -7.63 -10.16
CA ARG A 326 -7.25 -8.74 -9.55
C ARG A 326 -8.71 -8.45 -9.28
N PHE A 327 -9.05 -7.17 -9.22
CA PHE A 327 -10.40 -6.74 -8.89
C PHE A 327 -11.46 -7.47 -9.75
N ALA A 328 -11.31 -7.40 -11.06
CA ALA A 328 -12.33 -7.93 -11.98
C ALA A 328 -12.37 -9.45 -11.96
N VAL A 329 -11.25 -10.08 -11.60
CA VAL A 329 -11.19 -11.53 -11.51
C VAL A 329 -12.09 -12.00 -10.33
N LEU A 330 -12.07 -11.24 -9.24
CA LEU A 330 -12.87 -11.53 -8.05
C LEU A 330 -14.35 -11.17 -8.28
N ALA A 331 -14.60 -10.07 -9.00
CA ALA A 331 -15.95 -9.59 -9.29
C ALA A 331 -16.70 -10.63 -10.11
N HIS A 332 -16.03 -11.18 -11.12
CA HIS A 332 -16.56 -12.28 -11.93
C HIS A 332 -16.86 -13.55 -11.11
N LEU A 333 -15.89 -13.96 -10.30
CA LEU A 333 -16.06 -15.11 -9.40
C LEU A 333 -17.31 -14.94 -8.56
N LEU A 334 -17.48 -13.72 -8.04
CA LEU A 334 -18.63 -13.38 -7.23
C LEU A 334 -19.91 -13.54 -8.03
N THR A 335 -19.95 -12.97 -9.25
CA THR A 335 -21.15 -13.14 -10.09
C THR A 335 -21.47 -14.61 -10.43
N GLN A 336 -20.45 -15.46 -10.57
CA GLN A 336 -20.69 -16.85 -10.89
C GLN A 336 -21.23 -17.60 -9.68
N ARG A 337 -20.65 -17.32 -8.51
CA ARG A 337 -21.19 -17.88 -7.27
C ARG A 337 -22.63 -17.43 -6.97
N GLU A 338 -23.05 -16.30 -7.53
CA GLU A 338 -24.40 -15.77 -7.39
C GLU A 338 -25.35 -16.36 -8.41
N GLY A 339 -24.85 -17.20 -9.29
CA GLY A 339 -25.67 -17.82 -10.32
C GLY A 339 -26.06 -16.90 -11.45
N LEU A 340 -25.41 -15.75 -11.58
CA LEU A 340 -25.68 -14.78 -12.65
C LEU A 340 -24.82 -15.03 -13.90
N PRO A 341 -25.35 -14.74 -15.09
CA PRO A 341 -24.55 -14.88 -16.32
C PRO A 341 -23.23 -14.11 -16.32
N ALA A 342 -22.24 -14.62 -17.06
CA ALA A 342 -20.95 -13.97 -17.18
C ALA A 342 -21.15 -12.70 -17.98
N LYS A 343 -20.64 -11.58 -17.48
CA LYS A 343 -20.77 -10.29 -18.17
C LYS A 343 -19.56 -10.15 -19.07
N GLN A 344 -19.62 -10.79 -20.24
CA GLN A 344 -18.46 -10.85 -21.14
C GLN A 344 -18.07 -9.55 -21.82
N GLU A 345 -19.00 -8.61 -22.01
CA GLU A 345 -18.65 -7.25 -22.44
C GLU A 345 -17.62 -6.65 -21.44
N VAL A 346 -17.94 -6.76 -20.15
CA VAL A 346 -17.14 -6.19 -19.08
C VAL A 346 -15.80 -6.92 -18.93
N ILE A 347 -15.88 -8.23 -18.79
CA ILE A 347 -14.67 -9.06 -18.73
C ILE A 347 -13.70 -8.72 -19.87
N GLU A 348 -14.23 -8.45 -21.06
CA GLU A 348 -13.41 -8.11 -22.22
C GLU A 348 -12.76 -6.71 -22.15
N ASN A 349 -13.45 -5.72 -21.58
CA ASN A 349 -12.85 -4.42 -21.36
C ASN A 349 -11.68 -4.56 -20.41
N TYR A 350 -11.90 -5.20 -19.28
CA TYR A 350 -10.85 -5.38 -18.30
C TYR A 350 -9.64 -6.09 -18.90
N GLN A 351 -9.86 -7.16 -19.64
CA GLN A 351 -8.77 -7.91 -20.30
C GLN A 351 -8.00 -7.08 -21.30
N LYS A 352 -8.72 -6.22 -22.02
CA LYS A 352 -8.12 -5.37 -23.03
C LYS A 352 -7.32 -4.21 -22.41
N ASN A 353 -7.61 -3.86 -21.15
CA ASN A 353 -6.95 -2.78 -20.46
C ASN A 353 -6.08 -3.28 -19.34
N GLN A 354 -5.48 -4.46 -19.53
CA GLN A 354 -4.49 -4.98 -18.61
C GLN A 354 -5.02 -5.13 -17.18
N TYR A 356 -7.14 -7.78 -15.87
CA TYR A 356 -7.72 -9.11 -15.63
C TYR A 356 -6.59 -10.13 -15.45
N LEU A 357 -5.92 -10.06 -14.31
CA LEU A 357 -4.82 -10.95 -14.02
C LEU A 357 -5.38 -12.23 -13.46
N ASP A 358 -5.82 -13.13 -14.35
CA ASP A 358 -6.42 -14.41 -13.93
C ASP A 358 -5.43 -15.55 -13.82
N ASP A 359 -4.23 -15.38 -14.38
CA ASP A 359 -3.18 -16.40 -14.32
C ASP A 359 -1.84 -15.78 -13.93
N TYR A 360 -1.42 -16.04 -12.69
CA TYR A 360 -0.13 -15.52 -12.18
C TYR A 360 1.14 -16.09 -12.88
N SER A 361 0.99 -17.16 -13.67
CA SER A 361 2.11 -17.75 -14.44
C SER A 361 2.73 -16.73 -15.43
N CYS A 362 1.88 -15.81 -15.92
CA CYS A 362 2.28 -14.73 -16.86
C CYS A 362 2.54 -13.35 -16.22
N CYS A 363 2.68 -13.30 -14.90
CA CYS A 363 3.15 -12.09 -14.22
C CYS A 363 4.70 -12.12 -14.25
N GLU A 364 5.26 -13.23 -14.78
CA GLU A 364 6.71 -13.47 -14.90
C GLU A 364 7.45 -12.34 -15.63
N VAL A 365 7.85 -11.32 -14.87
CA VAL A 365 8.49 -10.11 -15.40
C VAL A 365 9.99 -10.25 -15.67
N SER A 366 10.42 -10.35 -16.93
CA SER A 366 11.88 -10.31 -17.25
C SER A 366 12.26 -9.95 -18.69
N CYS A 367 13.00 -8.85 -18.84
CA CYS A 367 13.41 -8.33 -20.16
C CYS A 367 14.62 -9.03 -20.76
N THR A 368 14.61 -9.16 -22.08
CA THR A 368 15.68 -9.84 -22.81
C THR A 368 16.95 -9.01 -22.97
N CYS A 369 16.83 -7.69 -22.84
CA CYS A 369 17.97 -6.75 -22.89
C CYS A 369 17.51 -5.34 -22.52
#